data_9KRI
#
_entry.id   9KRI
#
_cell.length_a   1.00
_cell.length_b   1.00
_cell.length_c   1.00
_cell.angle_alpha   90.00
_cell.angle_beta   90.00
_cell.angle_gamma   90.00
#
_symmetry.space_group_name_H-M   'P 1'
#
loop_
_entity.id
_entity.type
_entity.pdbx_description
1 polymer 'Sodium- and chloride-dependent creatine transporter 1'
2 non-polymer '3-carbamimidamidopropanoic acid'
3 non-polymer 'CHLORIDE ION'
4 non-polymer 'SODIUM ION'
#
_entity_poly.entity_id   1
_entity_poly.type   'polypeptide(L)'
_entity_poly.pdbx_seq_one_letter_code
;MAKKSAENGIYSVSGDEKKGPLIAPGPDGAPAKGDGPVGLGTPGGRLAVPPRETWTRQMDFIMSCVGFAVGLGNVWRFPY
LCYKNGGGVFLIPYVLIALVGGIPIFFLEISLGQFMKAGSINVWNICPLFKGLGYASMVIVFYCNTYYIMVLAWGFYYLV
KSFTTTLPWATCGHTWNTPDCVEIFRHEDCANASLANLTCDQLADRRSPVIEFWENKVLRLSGGLEVPGALNWEVTLCLL
ACWVLVYFCVWKGVKSTGKIVYFTATFPYVVLVVLLVRGVLLPGALDGIIYYLKPDWSKLGSPQVWIDAGTQIFFSYAIG
LGALTALGSYNRFNNNCYKDAIILALINSGTSFFAGFVVFSILGFMAAEQGVHISKVAESGPGLAFIAYPRAVTLMPVAP
LWAALFFFMLLLLGLDSQFVGVEGFITGLLDLLPASYYFRFQREISVALCCALCFVIDLSMVTDGGMYVFQLFDYYSASG
TTLLWQAFWECVVVAWVYGADRFMDDIACMIGYRPCPWMKWCWSFFTPLVCMGIFIFNVVYYEPLVYNNTYVYPWWGEAM
GWAFALSSMLCVPLHLLGCLLRAKGTMAERWQHLTQPIWGLHHLEYRAQDADVRGLTTLTPVSESSKVVVVESVM
;
_entity_poly.pdbx_strand_id   A
#
loop_
_chem_comp.id
_chem_comp.type
_chem_comp.name
_chem_comp.formula
A1D9S non-polymer '3-carbamimidamidopropanoic acid' 'C4 H9 N3 O2'
CL non-polymer 'CHLORIDE ION' 'Cl -1'
NA non-polymer 'SODIUM ION' 'Na 1'
#
# COMPACT_ATOMS: atom_id res chain seq x y z
N GLN A 58 -11.50 -20.24 11.88
CA GLN A 58 -12.26 -18.96 11.88
C GLN A 58 -12.27 -18.38 10.46
N MET A 59 -12.99 -17.27 10.26
CA MET A 59 -13.03 -16.61 8.93
C MET A 59 -12.37 -15.22 9.03
N ASP A 60 -11.67 -14.96 10.14
CA ASP A 60 -10.97 -13.66 10.32
C ASP A 60 -10.02 -13.44 9.13
N PHE A 61 -9.42 -14.51 8.63
CA PHE A 61 -8.52 -14.40 7.45
C PHE A 61 -9.32 -13.83 6.29
N ILE A 62 -10.52 -14.37 6.04
CA ILE A 62 -11.39 -13.88 4.93
C ILE A 62 -11.76 -12.42 5.21
N MET A 63 -12.01 -12.08 6.48
CA MET A 63 -12.40 -10.69 6.85
C MET A 63 -11.26 -9.74 6.47
N SER A 64 -10.01 -10.09 6.79
CA SER A 64 -8.85 -9.23 6.43
C SER A 64 -8.55 -9.36 4.92
N CYS A 65 -8.80 -10.53 4.33
CA CYS A 65 -8.48 -10.74 2.90
C CYS A 65 -9.22 -9.69 2.06
N VAL A 66 -10.40 -9.27 2.51
CA VAL A 66 -11.18 -8.23 1.78
C VAL A 66 -11.06 -6.89 2.55
N GLY A 67 -9.98 -6.71 3.31
CA GLY A 67 -9.86 -5.50 4.14
C GLY A 67 -8.51 -4.83 4.02
N PHE A 68 -7.77 -4.73 5.13
CA PHE A 68 -6.46 -4.05 5.15
C PHE A 68 -5.40 -4.90 4.46
N ALA A 69 -5.76 -6.07 3.94
CA ALA A 69 -4.72 -6.99 3.39
C ALA A 69 -4.74 -7.01 1.86
N VAL A 70 -5.18 -8.13 1.27
CA VAL A 70 -5.13 -8.28 -0.22
C VAL A 70 -5.77 -7.05 -0.90
N GLY A 71 -5.13 -6.54 -1.95
CA GLY A 71 -5.66 -5.37 -2.68
C GLY A 71 -4.67 -4.86 -3.70
N LEU A 72 -4.66 -3.54 -3.94
CA LEU A 72 -3.74 -2.94 -4.95
C LEU A 72 -2.28 -3.09 -4.46
N GLY A 73 -2.05 -2.98 -3.15
CA GLY A 73 -0.68 -3.11 -2.61
C GLY A 73 -0.07 -4.44 -3.01
N ASN A 74 -0.89 -5.42 -3.38
CA ASN A 74 -0.39 -6.76 -3.77
C ASN A 74 -0.44 -6.90 -5.29
N VAL A 75 -1.51 -6.42 -5.93
CA VAL A 75 -1.65 -6.59 -7.37
C VAL A 75 -1.05 -5.43 -8.16
N TRP A 76 -1.09 -4.21 -7.62
CA TRP A 76 -0.58 -3.05 -8.34
C TRP A 76 0.81 -2.61 -7.90
N ARG A 77 1.09 -2.61 -6.60
CA ARG A 77 2.32 -2.00 -6.13
C ARG A 77 3.50 -2.95 -6.16
N PHE A 78 3.36 -4.15 -5.62
CA PHE A 78 4.46 -5.11 -5.63
C PHE A 78 5.04 -5.35 -7.02
N PRO A 79 4.24 -5.53 -8.08
CA PRO A 79 4.86 -5.69 -9.41
C PRO A 79 5.75 -4.53 -9.81
N TYR A 80 5.30 -3.28 -9.64
CA TYR A 80 6.14 -2.20 -10.15
C TYR A 80 7.32 -1.95 -9.23
N LEU A 81 7.18 -2.22 -7.93
CA LEU A 81 8.35 -2.14 -7.05
C LEU A 81 9.39 -3.18 -7.44
N CYS A 82 8.95 -4.40 -7.70
CA CYS A 82 9.88 -5.43 -8.17
C CYS A 82 10.54 -5.01 -9.47
N TYR A 83 9.76 -4.44 -10.39
CA TYR A 83 10.34 -4.01 -11.66
C TYR A 83 11.35 -2.88 -11.46
N LYS A 84 11.02 -1.91 -10.61
CA LYS A 84 11.89 -0.77 -10.40
C LYS A 84 13.20 -1.19 -9.76
N ASN A 85 13.17 -2.13 -8.81
CA ASN A 85 14.37 -2.57 -8.15
C ASN A 85 15.08 -3.71 -8.86
N GLY A 86 14.56 -4.16 -10.00
CA GLY A 86 15.09 -5.35 -10.62
C GLY A 86 14.34 -6.57 -10.13
N GLY A 87 14.14 -7.56 -11.00
CA GLY A 87 13.26 -8.65 -10.65
C GLY A 87 13.72 -9.53 -9.51
N GLY A 88 14.79 -10.31 -9.75
CA GLY A 88 15.16 -11.33 -8.79
C GLY A 88 15.68 -10.76 -7.48
N VAL A 89 16.48 -9.70 -7.55
CA VAL A 89 17.19 -9.21 -6.37
C VAL A 89 16.22 -8.63 -5.34
N PHE A 90 14.99 -8.32 -5.73
CA PHE A 90 14.02 -7.77 -4.79
C PHE A 90 13.44 -8.83 -3.87
N LEU A 91 13.40 -10.08 -4.30
CA LEU A 91 12.72 -11.11 -3.52
C LEU A 91 13.47 -11.43 -2.23
N ILE A 92 14.80 -11.45 -2.28
CA ILE A 92 15.58 -11.83 -1.10
C ILE A 92 15.35 -10.89 0.08
N PRO A 93 15.48 -9.55 -0.07
CA PRO A 93 15.10 -8.69 1.05
C PRO A 93 13.62 -8.78 1.37
N TYR A 94 12.77 -9.01 0.38
CA TYR A 94 11.35 -9.19 0.65
C TYR A 94 11.11 -10.38 1.57
N VAL A 95 11.71 -11.53 1.25
CA VAL A 95 11.53 -12.71 2.09
C VAL A 95 12.14 -12.49 3.46
N LEU A 96 13.34 -11.92 3.52
CA LEU A 96 14.02 -11.72 4.80
C LEU A 96 13.24 -10.79 5.72
N ILE A 97 12.72 -9.69 5.17
CA ILE A 97 11.97 -8.75 6.00
C ILE A 97 10.57 -9.27 6.30
N ALA A 98 10.00 -10.10 5.43
CA ALA A 98 8.74 -10.75 5.76
C ALA A 98 8.92 -11.67 6.97
N LEU A 99 10.04 -12.39 7.01
CA LEU A 99 10.30 -13.27 8.15
C LEU A 99 10.65 -12.48 9.40
N VAL A 100 11.42 -11.40 9.26
CA VAL A 100 11.95 -10.67 10.41
C VAL A 100 11.10 -9.45 10.74
N GLY A 101 10.63 -8.71 9.75
CA GLY A 101 9.85 -7.52 10.03
C GLY A 101 8.37 -7.63 9.74
N GLY A 102 8.00 -8.25 8.63
CA GLY A 102 6.62 -8.28 8.22
C GLY A 102 5.70 -9.08 9.11
N ILE A 103 5.93 -10.40 9.17
CA ILE A 103 5.13 -11.26 10.03
C ILE A 103 5.19 -10.82 11.49
N PRO A 104 6.35 -10.46 12.06
CA PRO A 104 6.36 -10.07 13.48
C PRO A 104 5.52 -8.85 13.80
N ILE A 105 5.63 -7.76 13.03
CA ILE A 105 4.79 -6.61 13.34
C ILE A 105 3.33 -6.90 13.00
N PHE A 106 3.08 -7.70 11.96
CA PHE A 106 1.71 -8.13 11.67
C PHE A 106 1.07 -8.78 12.89
N PHE A 107 1.77 -9.77 13.45
CA PHE A 107 1.28 -10.45 14.64
C PHE A 107 1.22 -9.51 15.83
N LEU A 108 2.16 -8.57 15.92
CA LEU A 108 2.15 -7.60 17.02
C LEU A 108 0.90 -6.74 16.98
N GLU A 109 0.57 -6.19 15.80
CA GLU A 109 -0.61 -5.35 15.68
C GLU A 109 -1.87 -6.15 15.99
N ILE A 110 -2.02 -7.35 15.41
CA ILE A 110 -3.25 -8.09 15.67
C ILE A 110 -3.37 -8.49 17.14
N SER A 111 -2.27 -8.97 17.73
CA SER A 111 -2.31 -9.37 19.13
C SER A 111 -2.62 -8.19 20.03
N LEU A 112 -2.01 -7.04 19.78
CA LEU A 112 -2.26 -5.87 20.60
C LEU A 112 -3.70 -5.40 20.43
N GLY A 113 -4.23 -5.52 19.21
CA GLY A 113 -5.61 -5.16 18.99
C GLY A 113 -6.57 -6.03 19.78
N GLN A 114 -6.33 -7.35 19.76
CA GLN A 114 -7.15 -8.23 20.57
C GLN A 114 -7.01 -7.92 22.05
N PHE A 115 -5.79 -7.66 22.50
CA PHE A 115 -5.54 -7.44 23.92
C PHE A 115 -6.24 -6.20 24.42
N MET A 116 -6.06 -5.07 23.73
CA MET A 116 -6.61 -3.81 24.22
C MET A 116 -8.09 -3.65 23.94
N LYS A 117 -8.68 -4.52 23.11
CA LYS A 117 -10.11 -4.47 22.81
C LYS A 117 -10.52 -3.10 22.28
N ALA A 118 -9.62 -2.48 21.53
CA ALA A 118 -9.85 -1.15 20.97
C ALA A 118 -8.95 -0.99 19.76
N GLY A 119 -9.23 0.05 18.97
CA GLY A 119 -8.50 0.31 17.76
C GLY A 119 -7.96 1.72 17.71
N SER A 120 -7.08 1.94 16.74
CA SER A 120 -6.51 3.26 16.41
C SER A 120 -5.78 3.78 17.64
N ILE A 121 -6.15 4.94 18.19
CA ILE A 121 -5.32 5.60 19.18
C ILE A 121 -5.34 4.85 20.51
N ASN A 122 -6.51 4.37 20.92
CA ASN A 122 -6.69 3.91 22.30
C ASN A 122 -5.78 2.72 22.63
N VAL A 123 -5.40 1.94 21.62
CA VAL A 123 -4.65 0.71 21.87
C VAL A 123 -3.35 0.98 22.58
N TRP A 124 -2.82 2.19 22.47
CA TRP A 124 -1.55 2.54 23.09
C TRP A 124 -1.70 2.92 24.56
N ASN A 125 -2.84 2.61 25.17
CA ASN A 125 -2.98 2.81 26.60
C ASN A 125 -1.99 1.96 27.38
N ILE A 126 -1.40 0.93 26.76
CA ILE A 126 -0.33 0.18 27.39
C ILE A 126 0.86 1.09 27.68
N CYS A 127 1.17 2.00 26.76
CA CYS A 127 2.23 2.98 26.94
C CYS A 127 1.68 4.34 26.51
N PRO A 128 0.91 5.00 27.37
CA PRO A 128 0.28 6.27 26.96
C PRO A 128 1.27 7.33 26.54
N LEU A 129 2.49 7.32 27.09
CA LEU A 129 3.48 8.31 26.72
C LEU A 129 3.82 8.23 25.23
N PHE A 130 3.78 7.02 24.65
CA PHE A 130 4.01 6.85 23.22
C PHE A 130 2.72 6.80 22.44
N LYS A 131 1.60 7.25 23.03
CA LYS A 131 0.32 7.20 22.33
C LYS A 131 0.35 7.98 21.02
N GLY A 132 1.30 8.91 20.89
CA GLY A 132 1.42 9.64 19.65
C GLY A 132 1.62 8.76 18.44
N LEU A 133 2.17 7.55 18.64
CA LEU A 133 2.28 6.61 17.54
C LEU A 133 0.93 6.43 16.86
N GLY A 134 -0.13 6.23 17.65
CA GLY A 134 -1.45 6.10 17.08
C GLY A 134 -1.82 7.30 16.22
N TYR A 135 -1.53 8.51 16.72
CA TYR A 135 -1.75 9.71 15.93
C TYR A 135 -1.10 9.59 14.56
N ALA A 136 0.18 9.21 14.54
CA ALA A 136 0.89 9.08 13.28
C ALA A 136 0.13 8.16 12.34
N SER A 137 -0.42 7.07 12.86
CA SER A 137 -1.14 6.12 12.02
C SER A 137 -2.20 6.84 11.20
N MET A 138 -3.01 7.67 11.86
CA MET A 138 -4.06 8.39 11.14
C MET A 138 -3.47 9.18 9.99
N VAL A 139 -2.43 9.97 10.26
CA VAL A 139 -1.81 10.75 9.19
C VAL A 139 -1.41 9.82 8.06
N ILE A 140 -0.71 8.74 8.40
CA ILE A 140 -0.28 7.81 7.37
C ILE A 140 -1.48 7.30 6.60
N VAL A 141 -2.49 6.81 7.31
CA VAL A 141 -3.63 6.24 6.59
C VAL A 141 -4.34 7.35 5.85
N PHE A 142 -4.39 8.55 6.42
CA PHE A 142 -5.00 9.67 5.71
C PHE A 142 -4.30 9.87 4.37
N TYR A 143 -2.96 9.84 4.38
CA TYR A 143 -2.24 10.02 3.14
C TYR A 143 -2.55 8.90 2.16
N CYS A 144 -2.68 7.67 2.67
CA CYS A 144 -3.13 6.59 1.80
C CYS A 144 -4.46 6.94 1.15
N ASN A 145 -5.43 7.35 1.97
CA ASN A 145 -6.74 7.70 1.43
C ASN A 145 -6.65 8.83 0.42
N THR A 146 -5.58 9.63 0.46
CA THR A 146 -5.46 10.70 -0.51
C THR A 146 -5.07 10.16 -1.88
N TYR A 147 -4.15 9.18 -1.93
CA TYR A 147 -3.63 8.75 -3.22
C TYR A 147 -4.05 7.35 -3.62
N TYR A 148 -4.34 6.47 -2.67
CA TYR A 148 -4.84 5.15 -3.01
C TYR A 148 -6.02 5.24 -3.96
N ILE A 149 -6.98 6.11 -3.63
CA ILE A 149 -8.18 6.26 -4.45
C ILE A 149 -7.84 6.56 -5.89
N MET A 150 -6.73 7.28 -6.13
CA MET A 150 -6.37 7.62 -7.51
C MET A 150 -6.17 6.37 -8.34
N VAL A 151 -5.52 5.35 -7.79
CA VAL A 151 -5.39 4.11 -8.54
C VAL A 151 -6.78 3.61 -8.93
N LEU A 152 -7.68 3.55 -7.95
CA LEU A 152 -9.06 3.17 -8.23
C LEU A 152 -9.61 4.04 -9.36
N ALA A 153 -9.44 5.36 -9.24
CA ALA A 153 -9.94 6.26 -10.27
C ALA A 153 -9.41 5.85 -11.62
N TRP A 154 -8.09 5.69 -11.73
CA TRP A 154 -7.52 5.27 -13.00
C TRP A 154 -8.07 3.92 -13.40
N GLY A 155 -8.12 2.97 -12.46
CA GLY A 155 -8.75 1.70 -12.75
C GLY A 155 -10.17 1.88 -13.22
N PHE A 156 -10.93 2.72 -12.51
CA PHE A 156 -12.30 2.98 -12.92
C PHE A 156 -12.33 3.50 -14.35
N TYR A 157 -11.42 4.43 -14.67
CA TYR A 157 -11.38 4.95 -16.03
C TYR A 157 -11.20 3.82 -17.03
N TYR A 158 -10.27 2.91 -16.75
CA TYR A 158 -10.06 1.79 -17.65
C TYR A 158 -11.34 0.97 -17.77
N LEU A 159 -12.02 0.75 -16.64
CA LEU A 159 -13.29 0.02 -16.69
C LEU A 159 -14.30 0.76 -17.56
N VAL A 160 -14.36 2.08 -17.43
CA VAL A 160 -15.28 2.85 -18.27
C VAL A 160 -14.89 2.69 -19.73
N LYS A 161 -13.59 2.60 -20.02
CA LYS A 161 -13.15 2.40 -21.39
C LYS A 161 -13.22 0.95 -21.83
N SER A 162 -13.53 0.03 -20.92
CA SER A 162 -13.61 -1.38 -21.29
C SER A 162 -14.89 -1.69 -22.05
N PHE A 163 -16.00 -1.07 -21.66
CA PHE A 163 -17.30 -1.38 -22.24
C PHE A 163 -17.41 -0.85 -23.66
N THR A 164 -16.61 -1.37 -24.58
CA THR A 164 -16.66 -0.95 -25.97
C THR A 164 -16.48 -2.17 -26.87
N THR A 165 -16.93 -2.04 -28.11
CA THR A 165 -16.80 -3.13 -29.06
C THR A 165 -15.34 -3.50 -29.31
N THR A 166 -14.43 -2.56 -29.05
CA THR A 166 -13.00 -2.84 -29.11
C THR A 166 -12.35 -2.33 -27.83
N LEU A 167 -11.03 -2.33 -27.77
CA LEU A 167 -10.37 -1.77 -26.61
C LEU A 167 -9.56 -0.55 -27.01
N PRO A 168 -9.65 0.55 -26.25
CA PRO A 168 -8.89 1.75 -26.61
C PRO A 168 -7.39 1.51 -26.65
N TRP A 169 -6.86 0.68 -25.76
CA TRP A 169 -5.43 0.43 -25.70
C TRP A 169 -5.01 -0.77 -26.51
N ALA A 170 -5.93 -1.39 -27.25
CA ALA A 170 -5.54 -2.49 -28.13
C ALA A 170 -4.70 -1.97 -29.29
N THR A 171 -5.03 -0.79 -29.80
CA THR A 171 -4.32 -0.18 -30.91
C THR A 171 -4.29 1.33 -30.71
N CYS A 172 -3.46 2.00 -31.50
CA CYS A 172 -3.33 3.47 -31.41
C CYS A 172 -3.71 4.08 -32.75
N GLY A 173 -4.98 4.48 -32.86
CA GLY A 173 -5.46 5.28 -33.97
C GLY A 173 -6.48 6.29 -33.50
N HIS A 174 -6.40 6.67 -32.22
CA HIS A 174 -7.46 7.40 -31.54
C HIS A 174 -7.17 8.90 -31.40
N THR A 175 -6.20 9.42 -32.15
CA THR A 175 -5.86 10.84 -32.16
C THR A 175 -5.43 11.36 -30.79
N TRP A 176 -5.03 10.48 -29.87
CA TRP A 176 -4.36 10.90 -28.65
C TRP A 176 -2.98 10.30 -28.52
N ASN A 177 -2.42 9.74 -29.59
CA ASN A 177 -1.17 9.01 -29.54
C ASN A 177 -0.12 9.71 -30.40
N THR A 178 1.13 9.59 -30.00
CA THR A 178 2.22 10.18 -30.76
C THR A 178 2.37 9.44 -32.09
N PRO A 179 2.96 10.07 -33.11
CA PRO A 179 3.19 9.36 -34.38
C PRO A 179 4.08 8.15 -34.23
N ASP A 180 4.91 8.10 -33.20
CA ASP A 180 5.82 6.98 -33.00
C ASP A 180 5.15 5.85 -32.24
N CYS A 181 3.98 5.40 -32.70
CA CYS A 181 3.27 4.29 -32.10
C CYS A 181 2.92 3.26 -33.16
N VAL A 182 3.28 2.00 -32.90
CA VAL A 182 3.01 0.90 -33.81
C VAL A 182 2.28 -0.18 -33.05
N GLU A 183 1.21 -0.71 -33.65
CA GLU A 183 0.46 -1.78 -33.01
C GLU A 183 1.17 -3.12 -33.11
N ILE A 184 1.95 -3.33 -34.16
CA ILE A 184 2.70 -4.56 -34.35
C ILE A 184 4.17 -4.20 -34.52
N PHE A 185 5.03 -5.15 -34.17
CA PHE A 185 6.46 -4.94 -34.17
C PHE A 185 7.12 -5.84 -35.20
N ARG A 186 8.20 -5.35 -35.80
CA ARG A 186 8.92 -6.06 -36.85
C ARG A 186 10.36 -6.31 -36.39
N HIS A 187 11.18 -6.79 -37.32
CA HIS A 187 12.60 -7.04 -37.06
C HIS A 187 13.32 -5.78 -36.61
N GLN A 202 11.57 3.97 -35.98
CA GLN A 202 12.51 2.88 -36.20
C GLN A 202 13.00 2.31 -34.87
N LEU A 203 14.28 1.92 -34.82
CA LEU A 203 14.84 1.32 -33.62
C LEU A 203 14.81 2.33 -32.47
N ALA A 204 14.35 1.87 -31.30
CA ALA A 204 14.22 2.69 -30.10
C ALA A 204 13.38 3.93 -30.33
N ASP A 205 12.54 3.93 -31.37
CA ASP A 205 11.74 5.08 -31.72
C ASP A 205 10.27 4.72 -31.86
N ARG A 206 9.84 3.63 -31.24
CA ARG A 206 8.47 3.15 -31.32
C ARG A 206 7.95 2.81 -29.94
N ARG A 207 6.68 3.10 -29.70
CA ARG A 207 6.04 2.84 -28.41
C ARG A 207 4.76 2.07 -28.63
N SER A 208 4.48 1.13 -27.73
CA SER A 208 3.30 0.29 -27.86
C SER A 208 2.03 1.10 -27.61
N PRO A 209 0.91 0.69 -28.19
CA PRO A 209 -0.34 1.44 -27.95
C PRO A 209 -0.77 1.50 -26.50
N VAL A 210 -0.50 0.47 -25.70
CA VAL A 210 -0.92 0.48 -24.31
C VAL A 210 -0.20 1.59 -23.53
N ILE A 211 1.12 1.73 -23.73
CA ILE A 211 1.84 2.78 -23.03
C ILE A 211 1.44 4.15 -23.55
N GLU A 212 1.13 4.25 -24.84
CA GLU A 212 0.61 5.50 -25.39
C GLU A 212 -0.67 5.91 -24.69
N PHE A 213 -1.61 4.98 -24.56
CA PHE A 213 -2.87 5.27 -23.89
C PHE A 213 -2.64 5.65 -22.43
N TRP A 214 -1.74 4.94 -21.76
CA TRP A 214 -1.50 5.22 -20.35
C TRP A 214 -0.90 6.60 -20.15
N GLU A 215 0.04 7.00 -21.00
CA GLU A 215 0.79 8.23 -20.78
C GLU A 215 0.23 9.43 -21.55
N ASN A 216 -0.81 9.26 -22.36
CA ASN A 216 -1.31 10.36 -23.15
C ASN A 216 -2.82 10.53 -23.11
N LYS A 217 -3.56 9.59 -22.55
CA LYS A 217 -4.99 9.77 -22.34
C LYS A 217 -5.37 9.72 -20.87
N VAL A 218 -4.94 8.70 -20.14
CA VAL A 218 -5.23 8.65 -18.71
C VAL A 218 -4.44 9.72 -17.97
N LEU A 219 -3.16 9.86 -18.31
CA LEU A 219 -2.26 10.76 -17.59
C LEU A 219 -2.05 12.08 -18.30
N ARG A 220 -1.91 12.07 -19.63
CA ARG A 220 -1.55 13.25 -20.40
C ARG A 220 -0.30 13.90 -19.80
N LEU A 221 0.73 13.08 -19.61
CA LEU A 221 1.87 13.45 -18.79
C LEU A 221 2.59 14.68 -19.35
N SER A 222 2.87 15.63 -18.47
CA SER A 222 3.48 16.89 -18.86
C SER A 222 5.01 16.77 -18.82
N GLY A 223 5.69 17.89 -18.96
CA GLY A 223 7.14 17.87 -18.95
C GLY A 223 7.72 17.45 -17.61
N GLY A 224 7.10 17.90 -16.52
CA GLY A 224 7.62 17.58 -15.21
C GLY A 224 6.69 18.10 -14.13
N LEU A 225 7.13 17.91 -12.88
CA LEU A 225 6.39 18.46 -11.75
C LEU A 225 6.37 19.98 -11.78
N GLU A 226 7.32 20.61 -12.45
CA GLU A 226 7.35 22.07 -12.52
C GLU A 226 6.15 22.63 -13.28
N VAL A 227 5.68 21.91 -14.29
CA VAL A 227 4.56 22.37 -15.10
C VAL A 227 3.38 21.44 -14.90
N PRO A 228 2.43 21.77 -14.03
CA PRO A 228 1.29 20.87 -13.80
C PRO A 228 0.43 20.71 -15.04
N GLY A 229 -0.01 21.82 -15.60
CA GLY A 229 -0.77 21.79 -16.84
C GLY A 229 -2.27 21.91 -16.64
N ALA A 230 -2.99 21.38 -17.61
CA ALA A 230 -4.45 21.50 -17.65
C ALA A 230 -5.10 20.32 -16.93
N LEU A 231 -6.08 20.63 -16.08
CA LEU A 231 -6.75 19.60 -15.29
C LEU A 231 -7.47 18.62 -16.23
N ASN A 232 -7.27 17.33 -15.99
CA ASN A 232 -7.85 16.28 -16.82
C ASN A 232 -9.27 15.99 -16.31
N TRP A 233 -10.28 16.31 -17.14
CA TRP A 233 -11.65 16.23 -16.67
C TRP A 233 -12.19 14.81 -16.61
N GLU A 234 -11.80 13.95 -17.55
CA GLU A 234 -12.33 12.59 -17.57
C GLU A 234 -11.95 11.82 -16.30
N VAL A 235 -10.65 11.81 -15.98
CA VAL A 235 -10.22 11.16 -14.76
C VAL A 235 -10.80 11.88 -13.55
N THR A 236 -11.12 13.17 -13.68
CA THR A 236 -11.75 13.88 -12.57
C THR A 236 -13.17 13.36 -12.30
N LEU A 237 -13.95 13.13 -13.35
CA LEU A 237 -15.26 12.50 -13.14
C LEU A 237 -15.12 11.09 -12.61
N CYS A 238 -14.13 10.33 -13.10
CA CYS A 238 -13.93 8.98 -12.58
C CYS A 238 -13.58 9.00 -11.10
N LEU A 239 -12.72 9.94 -10.69
CA LEU A 239 -12.37 10.08 -9.29
C LEU A 239 -13.56 10.57 -8.47
N LEU A 240 -14.37 11.46 -9.03
CA LEU A 240 -15.58 11.90 -8.35
C LEU A 240 -16.53 10.72 -8.13
N ALA A 241 -16.65 9.85 -9.14
CA ALA A 241 -17.48 8.67 -8.98
C ALA A 241 -16.94 7.76 -7.89
N CYS A 242 -15.61 7.54 -7.88
CA CYS A 242 -15.02 6.71 -6.84
C CYS A 242 -15.27 7.31 -5.46
N TRP A 243 -15.13 8.63 -5.33
CA TRP A 243 -15.27 9.25 -4.02
C TRP A 243 -16.72 9.27 -3.56
N VAL A 244 -17.67 9.52 -4.47
CA VAL A 244 -19.07 9.51 -4.08
C VAL A 244 -19.49 8.08 -3.74
N LEU A 245 -18.96 7.09 -4.45
CA LEU A 245 -19.26 5.71 -4.12
C LEU A 245 -18.71 5.34 -2.75
N VAL A 246 -17.49 5.78 -2.44
CA VAL A 246 -16.92 5.52 -1.12
C VAL A 246 -17.75 6.22 -0.05
N TYR A 247 -18.16 7.46 -0.29
CA TYR A 247 -18.99 8.18 0.66
C TYR A 247 -20.30 7.43 0.90
N PHE A 248 -20.99 7.07 -0.18
CA PHE A 248 -22.28 6.42 -0.05
C PHE A 248 -22.18 5.09 0.67
N CYS A 249 -21.29 4.22 0.22
CA CYS A 249 -21.29 2.86 0.73
C CYS A 249 -20.43 2.71 1.97
N VAL A 250 -19.76 3.79 2.39
CA VAL A 250 -19.22 3.88 3.73
C VAL A 250 -20.23 4.51 4.68
N TRP A 251 -21.09 5.40 4.18
CA TRP A 251 -22.16 5.95 5.00
C TRP A 251 -23.09 4.85 5.50
N LYS A 252 -23.44 3.90 4.63
CA LYS A 252 -24.26 2.77 5.05
C LYS A 252 -23.48 1.78 5.89
N GLY A 253 -22.18 1.63 5.62
CA GLY A 253 -21.36 0.68 6.36
C GLY A 253 -21.72 -0.75 6.05
N VAL A 254 -21.50 -1.17 4.80
CA VAL A 254 -21.94 -2.49 4.38
C VAL A 254 -21.09 -3.58 5.05
N LYS A 255 -19.79 -3.32 5.21
CA LYS A 255 -18.85 -4.31 5.76
C LYS A 255 -18.85 -5.62 4.97
N SER A 256 -19.32 -5.57 3.73
CA SER A 256 -19.34 -6.70 2.80
C SER A 256 -20.17 -7.88 3.29
N THR A 257 -20.98 -7.69 4.33
CA THR A 257 -21.85 -8.72 4.90
C THR A 257 -21.00 -9.93 5.31
N GLY A 258 -21.58 -11.13 5.26
CA GLY A 258 -20.88 -12.32 5.68
C GLY A 258 -20.72 -13.38 4.60
N LYS A 259 -21.66 -13.44 3.65
CA LYS A 259 -21.59 -14.40 2.56
C LYS A 259 -21.09 -13.79 1.27
N ILE A 260 -21.26 -12.47 1.09
CA ILE A 260 -20.69 -11.81 -0.09
C ILE A 260 -19.16 -11.86 -0.02
N VAL A 261 -18.61 -11.76 1.19
CA VAL A 261 -17.16 -11.73 1.36
C VAL A 261 -16.52 -12.94 0.68
N TYR A 262 -17.11 -14.12 0.91
CA TYR A 262 -16.70 -15.34 0.23
C TYR A 262 -16.44 -15.08 -1.25
N PHE A 263 -17.44 -14.60 -1.97
CA PHE A 263 -17.26 -14.31 -3.40
C PHE A 263 -16.12 -13.32 -3.61
N THR A 264 -16.14 -12.21 -2.87
CA THR A 264 -15.11 -11.19 -3.05
C THR A 264 -13.74 -11.66 -2.55
N ALA A 265 -13.67 -12.79 -1.86
CA ALA A 265 -12.38 -13.36 -1.50
C ALA A 265 -11.88 -14.36 -2.53
N THR A 266 -12.74 -14.86 -3.40
CA THR A 266 -12.34 -15.83 -4.40
C THR A 266 -12.42 -15.31 -5.83
N PHE A 267 -13.16 -14.24 -6.07
CA PHE A 267 -13.19 -13.66 -7.41
C PHE A 267 -11.82 -13.20 -7.89
N PRO A 268 -11.00 -12.48 -7.10
CA PRO A 268 -9.69 -12.06 -7.61
C PRO A 268 -8.86 -13.20 -8.14
N TYR A 269 -8.59 -14.19 -7.28
CA TYR A 269 -7.65 -15.25 -7.64
C TYR A 269 -8.06 -15.93 -8.94
N VAL A 270 -9.36 -16.25 -9.08
CA VAL A 270 -9.86 -16.85 -10.31
C VAL A 270 -9.34 -16.05 -11.50
N VAL A 271 -9.64 -14.75 -11.54
CA VAL A 271 -9.20 -13.93 -12.65
C VAL A 271 -7.69 -14.03 -12.81
N LEU A 272 -6.97 -13.84 -11.70
CA LEU A 272 -5.52 -13.91 -11.76
C LEU A 272 -5.08 -15.24 -12.34
N VAL A 273 -5.66 -16.34 -11.86
CA VAL A 273 -5.27 -17.65 -12.35
C VAL A 273 -5.41 -17.69 -13.86
N VAL A 274 -6.56 -17.25 -14.36
CA VAL A 274 -6.77 -17.26 -15.81
C VAL A 274 -5.68 -16.45 -16.48
N LEU A 275 -5.46 -15.22 -16.00
CA LEU A 275 -4.41 -14.38 -16.58
C LEU A 275 -3.08 -15.11 -16.54
N LEU A 276 -2.75 -15.71 -15.39
CA LEU A 276 -1.48 -16.39 -15.27
C LEU A 276 -1.36 -17.47 -16.33
N VAL A 277 -2.42 -18.26 -16.52
CA VAL A 277 -2.36 -19.31 -17.53
C VAL A 277 -2.04 -18.70 -18.89
N ARG A 278 -2.79 -17.66 -19.26
CA ARG A 278 -2.49 -16.98 -20.52
C ARG A 278 -1.07 -16.45 -20.51
N GLY A 279 -0.67 -15.84 -19.39
CA GLY A 279 0.68 -15.31 -19.30
C GLY A 279 1.74 -16.38 -19.52
N VAL A 280 1.46 -17.61 -19.10
CA VAL A 280 2.44 -18.67 -19.29
C VAL A 280 2.54 -19.04 -20.76
N LEU A 281 1.42 -19.03 -21.47
CA LEU A 281 1.41 -19.53 -22.85
C LEU A 281 1.77 -18.44 -23.85
N LEU A 282 2.90 -17.76 -23.62
CA LEU A 282 3.34 -16.69 -24.48
C LEU A 282 4.81 -16.86 -24.84
N PRO A 283 5.22 -16.42 -26.03
CA PRO A 283 6.65 -16.44 -26.37
C PRO A 283 7.38 -15.37 -25.56
N GLY A 284 8.49 -15.78 -24.94
CA GLY A 284 9.27 -14.86 -24.14
C GLY A 284 8.79 -14.68 -22.72
N ALA A 285 7.73 -15.38 -22.30
CA ALA A 285 7.31 -15.30 -20.91
C ALA A 285 8.27 -16.05 -20.00
N LEU A 286 8.97 -17.05 -20.54
CA LEU A 286 9.97 -17.76 -19.74
C LEU A 286 11.11 -16.84 -19.35
N ASP A 287 11.55 -15.98 -20.27
CA ASP A 287 12.56 -14.99 -19.95
C ASP A 287 12.06 -14.05 -18.85
N GLY A 288 10.81 -13.62 -18.94
CA GLY A 288 10.26 -12.76 -17.90
C GLY A 288 10.24 -13.43 -16.55
N ILE A 289 9.84 -14.70 -16.50
CA ILE A 289 9.80 -15.41 -15.23
C ILE A 289 11.21 -15.60 -14.66
N ILE A 290 12.18 -15.95 -15.52
CA ILE A 290 13.54 -16.13 -15.04
C ILE A 290 14.11 -14.82 -14.49
N TYR A 291 13.88 -13.72 -15.20
CA TYR A 291 14.33 -12.43 -14.69
C TYR A 291 13.60 -12.07 -13.40
N TYR A 292 12.34 -12.48 -13.27
CA TYR A 292 11.61 -12.26 -12.02
C TYR A 292 12.28 -13.00 -10.87
N LEU A 293 12.73 -14.23 -11.11
CA LEU A 293 13.18 -15.09 -10.01
C LEU A 293 14.69 -14.98 -9.75
N LYS A 294 15.50 -15.28 -10.76
CA LYS A 294 16.96 -15.31 -10.57
C LYS A 294 17.48 -13.91 -10.28
N PRO A 295 18.22 -13.70 -9.20
CA PRO A 295 18.60 -12.35 -8.80
C PRO A 295 19.96 -11.90 -9.33
N ASP A 296 20.07 -10.59 -9.49
CA ASP A 296 21.33 -9.93 -9.85
C ASP A 296 21.94 -9.44 -8.53
N TRP A 297 22.95 -10.16 -8.06
CA TRP A 297 23.46 -9.95 -6.70
C TRP A 297 24.13 -8.60 -6.51
N SER A 298 24.50 -7.93 -7.61
CA SER A 298 25.14 -6.62 -7.47
C SER A 298 24.20 -5.61 -6.84
N LYS A 299 22.90 -5.68 -7.18
CA LYS A 299 21.93 -4.73 -6.66
C LYS A 299 21.62 -4.95 -5.19
N LEU A 300 22.07 -6.05 -4.59
CA LEU A 300 21.80 -6.27 -3.17
C LEU A 300 22.49 -5.21 -2.31
N GLY A 301 23.70 -4.80 -2.71
CA GLY A 301 24.39 -3.78 -1.94
C GLY A 301 23.68 -2.45 -1.93
N SER A 302 22.91 -2.16 -2.96
CA SER A 302 22.19 -0.90 -3.04
C SER A 302 21.14 -0.83 -1.93
N PRO A 303 21.10 0.26 -1.14
CA PRO A 303 20.03 0.39 -0.15
C PRO A 303 18.66 0.63 -0.75
N GLN A 304 18.58 0.93 -2.05
CA GLN A 304 17.29 1.16 -2.68
C GLN A 304 16.41 -0.08 -2.62
N VAL A 305 16.98 -1.24 -2.94
CA VAL A 305 16.17 -2.46 -2.92
C VAL A 305 15.74 -2.79 -1.50
N TRP A 306 16.58 -2.51 -0.51
CA TRP A 306 16.23 -2.84 0.87
C TRP A 306 15.13 -1.93 1.39
N ILE A 307 15.23 -0.62 1.14
CA ILE A 307 14.17 0.27 1.57
C ILE A 307 12.87 -0.05 0.85
N ASP A 308 12.96 -0.35 -0.46
CA ASP A 308 11.75 -0.68 -1.21
C ASP A 308 11.09 -1.95 -0.68
N ALA A 309 11.89 -2.98 -0.37
CA ALA A 309 11.32 -4.22 0.12
C ALA A 309 10.70 -4.05 1.51
N GLY A 310 11.42 -3.39 2.41
CA GLY A 310 10.88 -3.16 3.74
C GLY A 310 9.59 -2.38 3.71
N THR A 311 9.56 -1.29 2.95
CA THR A 311 8.34 -0.50 2.87
C THR A 311 7.23 -1.22 2.12
N GLN A 312 7.58 -2.04 1.12
CA GLN A 312 6.57 -2.79 0.40
C GLN A 312 5.87 -3.78 1.33
N ILE A 313 6.64 -4.46 2.18
CA ILE A 313 6.02 -5.35 3.15
C ILE A 313 5.19 -4.56 4.15
N PHE A 314 5.75 -3.48 4.69
CA PHE A 314 5.04 -2.72 5.71
C PHE A 314 3.79 -2.03 5.15
N PHE A 315 3.70 -1.87 3.83
CA PHE A 315 2.54 -1.30 3.18
C PHE A 315 1.52 -2.36 2.79
N SER A 316 2.00 -3.50 2.28
CA SER A 316 1.09 -4.56 1.86
C SER A 316 0.31 -5.13 3.03
N TYR A 317 0.91 -5.13 4.22
CA TYR A 317 0.26 -5.63 5.42
C TYR A 317 -0.53 -4.54 6.14
N ALA A 318 -0.51 -3.31 5.65
CA ALA A 318 -1.07 -2.16 6.35
C ALA A 318 -0.47 -2.02 7.74
N ILE A 319 0.84 -2.23 7.83
CA ILE A 319 1.55 -2.09 9.09
C ILE A 319 1.69 -0.62 9.44
N GLY A 320 1.26 -0.25 10.65
CA GLY A 320 1.37 1.10 11.11
C GLY A 320 0.26 2.04 10.68
N LEU A 321 -0.72 1.54 9.94
CA LEU A 321 -1.82 2.37 9.48
C LEU A 321 -3.02 2.36 10.41
N GLY A 322 -2.97 1.63 11.52
CA GLY A 322 -4.07 1.64 12.46
C GLY A 322 -5.31 0.92 12.00
N ALA A 323 -5.18 0.00 11.05
CA ALA A 323 -6.27 -0.88 10.64
C ALA A 323 -6.12 -2.28 11.19
N LEU A 324 -4.89 -2.79 11.22
CA LEU A 324 -4.63 -4.09 11.84
C LEU A 324 -5.04 -4.10 13.29
N THR A 325 -4.82 -2.99 14.00
CA THR A 325 -5.18 -2.92 15.41
C THR A 325 -6.69 -3.03 15.60
N ALA A 326 -7.46 -2.31 14.79
CA ALA A 326 -8.92 -2.42 14.88
C ALA A 326 -9.38 -3.82 14.53
N LEU A 327 -8.78 -4.42 13.49
CA LEU A 327 -9.14 -5.77 13.12
C LEU A 327 -8.87 -6.75 14.26
N GLY A 328 -7.75 -6.57 14.96
CA GLY A 328 -7.52 -7.37 16.14
C GLY A 328 -8.56 -7.12 17.22
N SER A 329 -8.94 -5.86 17.42
CA SER A 329 -9.94 -5.54 18.42
C SER A 329 -11.27 -6.22 18.13
N TYR A 330 -11.59 -6.42 16.85
CA TYR A 330 -12.85 -7.08 16.51
C TYR A 330 -12.88 -8.55 16.93
N ASN A 331 -11.71 -9.19 17.05
CA ASN A 331 -11.68 -10.61 17.38
C ASN A 331 -12.08 -10.86 18.84
N ARG A 332 -12.45 -12.10 19.11
CA ARG A 332 -12.72 -12.53 20.47
C ARG A 332 -11.42 -12.64 21.25
N PHE A 333 -11.55 -12.68 22.58
CA PHE A 333 -10.37 -12.79 23.43
C PHE A 333 -9.72 -14.16 23.29
N ASN A 334 -10.50 -15.23 23.38
CA ASN A 334 -9.98 -16.58 23.30
C ASN A 334 -9.82 -16.98 21.83
N ASN A 335 -8.83 -16.36 21.19
CA ASN A 335 -8.64 -16.51 19.76
C ASN A 335 -7.21 -16.97 19.46
N ASN A 336 -7.06 -17.60 18.30
CA ASN A 336 -5.78 -18.13 17.84
C ASN A 336 -5.12 -17.12 16.90
N CYS A 337 -4.69 -16.00 17.48
CA CYS A 337 -4.18 -14.88 16.70
C CYS A 337 -2.83 -15.17 16.06
N TYR A 338 -2.05 -16.10 16.63
CA TYR A 338 -0.74 -16.40 16.06
C TYR A 338 -0.88 -17.05 14.69
N LYS A 339 -1.72 -18.09 14.60
CA LYS A 339 -2.00 -18.68 13.30
C LYS A 339 -2.78 -17.73 12.41
N ASP A 340 -3.60 -16.86 13.00
CA ASP A 340 -4.28 -15.83 12.21
C ASP A 340 -3.26 -14.97 11.47
N ALA A 341 -2.28 -14.45 12.20
CA ALA A 341 -1.27 -13.59 11.59
C ALA A 341 -0.44 -14.35 10.57
N ILE A 342 -0.04 -15.58 10.90
CA ILE A 342 0.79 -16.35 9.97
C ILE A 342 0.03 -16.60 8.68
N ILE A 343 -1.24 -17.01 8.78
CA ILE A 343 -2.02 -17.35 7.60
C ILE A 343 -2.29 -16.10 6.76
N LEU A 344 -2.61 -14.98 7.42
CA LEU A 344 -2.84 -13.75 6.67
C LEU A 344 -1.58 -13.30 5.95
N ALA A 345 -0.42 -13.38 6.62
CA ALA A 345 0.82 -13.00 5.98
C ALA A 345 1.14 -13.91 4.80
N LEU A 346 0.91 -15.21 4.96
CA LEU A 346 1.15 -16.13 3.85
C LEU A 346 0.23 -15.83 2.68
N ILE A 347 -1.04 -15.49 2.96
CA ILE A 347 -1.96 -15.14 1.87
C ILE A 347 -1.49 -13.89 1.15
N ASN A 348 -1.09 -12.87 1.91
CA ASN A 348 -0.61 -11.63 1.27
C ASN A 348 0.59 -11.89 0.39
N SER A 349 1.58 -12.63 0.93
CA SER A 349 2.79 -12.89 0.16
C SER A 349 2.51 -13.78 -1.05
N GLY A 350 1.63 -14.77 -0.90
CA GLY A 350 1.29 -15.62 -2.02
C GLY A 350 0.56 -14.88 -3.12
N THR A 351 -0.38 -14.01 -2.76
CA THR A 351 -1.05 -13.21 -3.76
C THR A 351 -0.08 -12.25 -4.43
N SER A 352 0.85 -11.67 -3.67
CA SER A 352 1.85 -10.80 -4.26
C SER A 352 2.73 -11.56 -5.25
N PHE A 353 3.15 -12.76 -4.89
CA PHE A 353 3.98 -13.57 -5.77
C PHE A 353 3.22 -13.98 -7.02
N PHE A 354 1.94 -14.32 -6.86
CA PHE A 354 1.12 -14.69 -8.01
C PHE A 354 0.92 -13.51 -8.96
N ALA A 355 0.64 -12.33 -8.41
CA ALA A 355 0.54 -11.14 -9.23
C ALA A 355 1.86 -10.81 -9.89
N GLY A 356 2.97 -11.06 -9.19
CA GLY A 356 4.28 -10.89 -9.80
C GLY A 356 4.47 -11.79 -11.00
N PHE A 357 4.04 -13.05 -10.87
CA PHE A 357 4.09 -13.96 -12.03
C PHE A 357 3.26 -13.41 -13.19
N VAL A 358 2.03 -12.99 -12.90
CA VAL A 358 1.15 -12.51 -13.96
C VAL A 358 1.75 -11.30 -14.66
N VAL A 359 2.31 -10.37 -13.89
CA VAL A 359 2.87 -9.15 -14.47
C VAL A 359 4.14 -9.47 -15.24
N PHE A 360 5.04 -10.25 -14.65
CA PHE A 360 6.36 -10.43 -15.23
C PHE A 360 6.35 -11.38 -16.41
N SER A 361 5.41 -12.32 -16.48
CA SER A 361 5.27 -13.09 -17.71
C SER A 361 4.89 -12.18 -18.88
N ILE A 362 3.97 -11.25 -18.65
CA ILE A 362 3.60 -10.29 -19.67
C ILE A 362 4.78 -9.40 -20.02
N LEU A 363 5.55 -9.00 -19.01
CA LEU A 363 6.73 -8.17 -19.26
C LEU A 363 7.75 -8.90 -20.11
N GLY A 364 7.94 -10.19 -19.84
CA GLY A 364 8.81 -10.99 -20.69
C GLY A 364 8.28 -11.10 -22.11
N PHE A 365 6.97 -11.23 -22.25
CA PHE A 365 6.37 -11.28 -23.58
C PHE A 365 6.64 -9.99 -24.35
N MET A 366 6.42 -8.85 -23.69
CA MET A 366 6.68 -7.57 -24.35
C MET A 366 8.17 -7.37 -24.63
N ALA A 367 9.04 -7.90 -23.76
CA ALA A 367 10.47 -7.82 -24.03
C ALA A 367 10.83 -8.62 -25.27
N ALA A 368 10.28 -9.82 -25.41
CA ALA A 368 10.56 -10.63 -26.58
C ALA A 368 9.90 -10.07 -27.83
N GLU A 369 8.82 -9.31 -27.69
CA GLU A 369 8.12 -8.76 -28.84
C GLU A 369 8.78 -7.47 -29.32
N GLN A 370 8.86 -6.46 -28.46
CA GLN A 370 9.39 -5.16 -28.84
C GLN A 370 10.87 -5.25 -29.22
N GLY A 371 11.63 -6.02 -28.45
CA GLY A 371 13.07 -6.09 -28.64
C GLY A 371 13.88 -5.30 -27.63
N VAL A 372 13.22 -4.43 -26.86
CA VAL A 372 13.94 -3.72 -25.81
C VAL A 372 14.24 -4.68 -24.66
N HIS A 373 15.20 -4.29 -23.83
CA HIS A 373 15.57 -5.12 -22.70
C HIS A 373 14.43 -5.22 -21.70
N ILE A 374 14.42 -6.31 -20.94
CA ILE A 374 13.32 -6.58 -20.02
C ILE A 374 13.20 -5.48 -18.98
N SER A 375 14.30 -4.82 -18.63
CA SER A 375 14.27 -3.74 -17.66
C SER A 375 13.91 -2.40 -18.28
N LYS A 376 13.71 -2.34 -19.60
CA LYS A 376 13.34 -1.10 -20.28
C LYS A 376 12.02 -1.23 -21.03
N VAL A 377 11.21 -2.23 -20.69
CA VAL A 377 9.97 -2.46 -21.42
C VAL A 377 8.89 -1.46 -21.03
N ALA A 378 8.49 -1.48 -19.77
CA ALA A 378 7.36 -0.69 -19.31
C ALA A 378 7.82 0.37 -18.32
N GLU A 379 6.86 1.14 -17.82
CA GLU A 379 7.14 2.19 -16.87
C GLU A 379 7.62 1.61 -15.56
N SER A 380 8.68 2.20 -15.01
CA SER A 380 9.22 1.76 -13.73
C SER A 380 8.47 2.33 -12.54
N GLY A 381 7.63 3.33 -12.74
CA GLY A 381 6.85 3.91 -11.67
C GLY A 381 5.57 3.15 -11.47
N PRO A 382 4.56 3.81 -10.88
CA PRO A 382 3.29 3.13 -10.59
C PRO A 382 2.50 2.74 -11.83
N GLY A 383 2.98 3.04 -13.03
CA GLY A 383 2.20 2.72 -14.21
C GLY A 383 2.31 1.29 -14.69
N LEU A 384 3.21 0.50 -14.10
CA LEU A 384 3.44 -0.85 -14.62
C LEU A 384 2.17 -1.70 -14.54
N ALA A 385 1.45 -1.60 -13.43
CA ALA A 385 0.21 -2.36 -13.30
C ALA A 385 -0.82 -1.98 -14.34
N PHE A 386 -0.73 -0.76 -14.88
CA PHE A 386 -1.61 -0.33 -15.95
C PHE A 386 -0.99 -0.49 -17.32
N ILE A 387 0.22 -1.04 -17.41
CA ILE A 387 0.83 -1.36 -18.67
C ILE A 387 0.98 -2.87 -18.88
N ALA A 388 1.10 -3.65 -17.81
CA ALA A 388 1.18 -5.09 -17.92
C ALA A 388 -0.18 -5.75 -17.91
N TYR A 389 -1.02 -5.41 -16.93
CA TYR A 389 -2.32 -6.05 -16.82
C TYR A 389 -3.24 -5.78 -18.01
N PRO A 390 -3.45 -4.54 -18.44
CA PRO A 390 -4.27 -4.36 -19.66
C PRO A 390 -3.72 -5.08 -20.86
N ARG A 391 -2.39 -5.09 -21.03
CA ARG A 391 -1.79 -5.79 -22.16
C ARG A 391 -2.19 -7.25 -22.15
N ALA A 392 -2.10 -7.91 -20.99
CA ALA A 392 -2.54 -9.29 -20.86
C ALA A 392 -3.97 -9.46 -21.33
N VAL A 393 -4.84 -8.53 -20.94
CA VAL A 393 -6.24 -8.64 -21.35
C VAL A 393 -6.38 -8.63 -22.86
N THR A 394 -5.56 -7.82 -23.53
CA THR A 394 -5.68 -7.75 -24.98
C THR A 394 -5.31 -9.05 -25.67
N LEU A 395 -4.70 -9.99 -24.96
CA LEU A 395 -4.39 -11.30 -25.54
C LEU A 395 -5.46 -12.34 -25.28
N MET A 396 -6.50 -12.01 -24.50
CA MET A 396 -7.58 -12.94 -24.24
C MET A 396 -8.48 -13.08 -25.46
N PRO A 397 -9.25 -14.18 -25.55
CA PRO A 397 -10.13 -14.35 -26.71
C PRO A 397 -11.16 -13.25 -26.87
N VAL A 398 -12.00 -13.04 -25.85
CA VAL A 398 -13.00 -11.98 -25.85
C VAL A 398 -12.43 -10.87 -24.97
N ALA A 399 -11.71 -9.95 -25.59
CA ALA A 399 -10.95 -8.96 -24.83
C ALA A 399 -11.81 -8.04 -23.98
N PRO A 400 -12.85 -7.38 -24.51
CA PRO A 400 -13.58 -6.41 -23.66
C PRO A 400 -14.19 -7.02 -22.41
N LEU A 401 -14.71 -8.25 -22.51
CA LEU A 401 -15.29 -8.90 -21.34
C LEU A 401 -14.23 -9.13 -20.27
N TRP A 402 -13.05 -9.58 -20.67
CA TRP A 402 -11.99 -9.82 -19.69
C TRP A 402 -11.44 -8.52 -19.13
N ALA A 403 -11.43 -7.45 -19.93
CA ALA A 403 -11.03 -6.15 -19.40
C ALA A 403 -12.00 -5.68 -18.33
N ALA A 404 -13.30 -5.78 -18.61
CA ALA A 404 -14.29 -5.41 -17.62
C ALA A 404 -14.15 -6.27 -16.37
N LEU A 405 -13.95 -7.58 -16.54
CA LEU A 405 -13.82 -8.47 -15.39
C LEU A 405 -12.61 -8.14 -14.54
N PHE A 406 -11.44 -7.99 -15.18
CA PHE A 406 -10.23 -7.73 -14.41
C PHE A 406 -10.29 -6.38 -13.71
N PHE A 407 -10.77 -5.35 -14.41
CA PHE A 407 -10.78 -4.04 -13.76
C PHE A 407 -11.91 -3.94 -12.74
N PHE A 408 -12.97 -4.74 -12.88
CA PHE A 408 -13.93 -4.88 -11.80
C PHE A 408 -13.28 -5.52 -10.58
N MET A 409 -12.44 -6.53 -10.80
CA MET A 409 -11.68 -7.13 -9.71
C MET A 409 -10.79 -6.11 -9.02
N LEU A 410 -10.03 -5.35 -9.82
CA LEU A 410 -9.14 -4.35 -9.26
C LEU A 410 -9.91 -3.28 -8.50
N LEU A 411 -11.05 -2.87 -9.06
CA LEU A 411 -11.92 -1.91 -8.37
C LEU A 411 -12.41 -2.48 -7.06
N LEU A 412 -12.75 -3.77 -7.03
CA LEU A 412 -13.23 -4.39 -5.80
C LEU A 412 -12.15 -4.40 -4.74
N LEU A 413 -10.93 -4.81 -5.10
CA LEU A 413 -9.83 -4.82 -4.14
C LEU A 413 -9.56 -3.42 -3.60
N GLY A 414 -9.38 -2.45 -4.51
CA GLY A 414 -9.13 -1.09 -4.07
C GLY A 414 -10.26 -0.53 -3.24
N LEU A 415 -11.50 -0.88 -3.59
CA LEU A 415 -12.64 -0.35 -2.86
C LEU A 415 -12.70 -0.91 -1.45
N ASP A 416 -12.50 -2.21 -1.29
CA ASP A 416 -12.53 -2.78 0.05
C ASP A 416 -11.41 -2.19 0.91
N SER A 417 -10.22 -2.05 0.34
CA SER A 417 -9.12 -1.45 1.10
C SER A 417 -9.44 -0.01 1.48
N GLN A 418 -10.00 0.77 0.56
CA GLN A 418 -10.33 2.15 0.85
C GLN A 418 -11.45 2.24 1.88
N PHE A 419 -12.43 1.35 1.82
CA PHE A 419 -13.48 1.32 2.82
C PHE A 419 -12.91 1.11 4.21
N VAL A 420 -12.07 0.11 4.39
CA VAL A 420 -11.55 -0.14 5.73
C VAL A 420 -10.64 1.01 6.18
N GLY A 421 -9.84 1.56 5.26
CA GLY A 421 -8.98 2.66 5.64
C GLY A 421 -9.74 3.91 6.05
N VAL A 422 -10.74 4.30 5.24
CA VAL A 422 -11.51 5.50 5.55
C VAL A 422 -12.35 5.28 6.80
N GLU A 423 -12.86 4.06 6.99
CA GLU A 423 -13.59 3.77 8.22
C GLU A 423 -12.69 3.96 9.43
N GLY A 424 -11.46 3.42 9.36
CA GLY A 424 -10.55 3.59 10.47
C GLY A 424 -10.23 5.05 10.75
N PHE A 425 -9.94 5.81 9.68
CA PHE A 425 -9.62 7.22 9.85
C PHE A 425 -10.78 7.99 10.45
N ILE A 426 -12.00 7.75 9.95
CA ILE A 426 -13.16 8.49 10.43
C ILE A 426 -13.47 8.14 11.87
N THR A 427 -13.40 6.85 12.23
CA THR A 427 -13.65 6.47 13.61
C THR A 427 -12.60 7.05 14.54
N GLY A 428 -11.33 7.07 14.11
CA GLY A 428 -10.31 7.72 14.92
C GLY A 428 -10.60 9.18 15.16
N LEU A 429 -10.95 9.91 14.08
CA LEU A 429 -11.28 11.32 14.24
C LEU A 429 -12.48 11.52 15.16
N LEU A 430 -13.52 10.71 14.98
CA LEU A 430 -14.73 10.88 15.79
C LEU A 430 -14.44 10.61 17.26
N ASP A 431 -13.62 9.60 17.54
CA ASP A 431 -13.23 9.34 18.92
C ASP A 431 -12.41 10.48 19.49
N LEU A 432 -11.54 11.08 18.66
CA LEU A 432 -10.72 12.19 19.16
C LEU A 432 -11.56 13.41 19.53
N LEU A 433 -12.52 13.76 18.69
CA LEU A 433 -13.22 15.02 18.86
C LEU A 433 -14.06 15.01 20.13
N PRO A 434 -14.12 16.12 20.86
CA PRO A 434 -14.91 16.16 22.11
C PRO A 434 -16.40 16.20 21.85
N ALA A 435 -17.20 16.12 22.92
CA ALA A 435 -18.65 16.10 22.78
C ALA A 435 -19.18 17.42 22.22
N SER A 436 -18.46 18.53 22.45
CA SER A 436 -18.93 19.82 21.99
C SER A 436 -18.96 19.95 20.48
N TYR A 437 -18.28 19.05 19.76
CA TYR A 437 -18.22 19.10 18.31
C TYR A 437 -19.27 18.20 17.65
N TYR A 438 -20.19 17.63 18.43
CA TYR A 438 -21.19 16.75 17.88
C TYR A 438 -22.12 17.48 16.92
N PHE A 439 -22.44 16.83 15.81
CA PHE A 439 -23.39 17.33 14.83
C PHE A 439 -24.57 16.38 14.76
N ARG A 440 -25.67 16.85 14.15
CA ARG A 440 -26.84 16.00 13.95
C ARG A 440 -26.48 14.76 13.14
N PHE A 441 -25.59 14.91 12.16
CA PHE A 441 -25.11 13.79 11.36
C PHE A 441 -23.60 13.75 11.42
N GLN A 442 -23.06 13.81 12.64
CA GLN A 442 -21.62 13.96 12.83
C GLN A 442 -20.83 12.92 12.05
N ARG A 443 -21.25 11.66 12.10
CA ARG A 443 -20.58 10.62 11.33
C ARG A 443 -20.68 10.89 9.83
N GLU A 444 -21.90 11.10 9.34
CA GLU A 444 -22.10 11.32 7.90
C GLU A 444 -21.41 12.59 7.45
N ILE A 445 -21.55 13.68 8.22
CA ILE A 445 -20.94 14.94 7.83
C ILE A 445 -19.42 14.82 7.84
N SER A 446 -18.86 14.11 8.83
CA SER A 446 -17.42 13.92 8.88
C SER A 446 -16.92 13.12 7.68
N VAL A 447 -17.65 12.06 7.32
CA VAL A 447 -17.23 11.27 6.16
C VAL A 447 -17.31 12.12 4.89
N ALA A 448 -18.38 12.90 4.75
CA ALA A 448 -18.51 13.75 3.57
C ALA A 448 -17.40 14.79 3.49
N LEU A 449 -17.07 15.41 4.63
CA LEU A 449 -16.01 16.41 4.64
C LEU A 449 -14.66 15.79 4.33
N CYS A 450 -14.38 14.60 4.88
CA CYS A 450 -13.13 13.93 4.57
C CYS A 450 -13.03 13.58 3.09
N CYS A 451 -14.12 13.06 2.52
CA CYS A 451 -14.10 12.73 1.09
C CYS A 451 -13.90 13.97 0.24
N ALA A 452 -14.58 15.07 0.59
CA ALA A 452 -14.45 16.30 -0.20
C ALA A 452 -13.03 16.86 -0.10
N LEU A 453 -12.44 16.86 1.10
CA LEU A 453 -11.09 17.38 1.26
C LEU A 453 -10.09 16.51 0.51
N CYS A 454 -10.23 15.19 0.58
CA CYS A 454 -9.34 14.32 -0.15
C CYS A 454 -9.48 14.52 -1.66
N PHE A 455 -10.71 14.75 -2.12
CA PHE A 455 -10.90 15.03 -3.53
C PHE A 455 -10.26 16.36 -3.92
N VAL A 456 -10.35 17.36 -3.05
CA VAL A 456 -9.70 18.64 -3.34
C VAL A 456 -8.20 18.47 -3.45
N ILE A 457 -7.61 17.68 -2.56
CA ILE A 457 -6.17 17.40 -2.64
C ILE A 457 -5.84 16.66 -3.93
N ASP A 458 -6.65 15.66 -4.29
CA ASP A 458 -6.39 14.89 -5.50
C ASP A 458 -6.62 15.70 -6.77
N LEU A 459 -7.30 16.85 -6.67
CA LEU A 459 -7.40 17.73 -7.82
C LEU A 459 -6.03 18.13 -8.34
N SER A 460 -5.02 18.14 -7.47
CA SER A 460 -3.65 18.46 -7.85
C SER A 460 -2.91 17.25 -8.40
N MET A 461 -3.55 16.09 -8.44
CA MET A 461 -2.91 14.87 -8.88
C MET A 461 -3.51 14.31 -10.16
N VAL A 462 -4.69 14.80 -10.56
CA VAL A 462 -5.27 14.45 -11.86
C VAL A 462 -4.80 15.37 -12.98
N THR A 463 -4.05 16.42 -12.65
CA THR A 463 -3.58 17.39 -13.63
C THR A 463 -2.52 16.71 -14.52
N ASP A 464 -2.21 17.36 -15.65
CA ASP A 464 -1.25 16.78 -16.60
C ASP A 464 0.03 16.37 -15.90
N GLY A 465 0.59 17.25 -15.08
CA GLY A 465 1.73 16.90 -14.26
C GLY A 465 1.27 16.41 -12.90
N GLY A 466 0.32 15.48 -12.91
CA GLY A 466 -0.23 14.98 -11.67
C GLY A 466 0.40 13.68 -11.23
N MET A 467 0.76 12.83 -12.20
CA MET A 467 1.38 11.55 -11.88
C MET A 467 2.60 11.75 -11.00
N TYR A 468 3.39 12.78 -11.29
CA TYR A 468 4.56 13.07 -10.47
C TYR A 468 4.17 13.27 -9.01
N VAL A 469 3.14 14.06 -8.76
CA VAL A 469 2.68 14.25 -7.38
C VAL A 469 2.34 12.91 -6.76
N PHE A 470 1.70 12.03 -7.53
CA PHE A 470 1.38 10.69 -7.04
C PHE A 470 2.61 9.99 -6.52
N GLN A 471 3.72 10.06 -7.26
CA GLN A 471 4.95 9.43 -6.81
C GLN A 471 5.41 10.04 -5.50
N LEU A 472 5.32 11.36 -5.36
CA LEU A 472 5.65 11.99 -4.09
C LEU A 472 4.74 11.51 -2.98
N PHE A 473 3.48 11.21 -3.30
CA PHE A 473 2.56 10.65 -2.33
C PHE A 473 2.77 9.17 -2.12
N ASP A 474 3.54 8.52 -2.98
CA ASP A 474 3.76 7.08 -2.91
C ASP A 474 5.12 6.73 -2.30
N TYR A 475 6.20 7.32 -2.81
CA TYR A 475 7.52 6.98 -2.30
C TYR A 475 7.76 7.56 -0.93
N TYR A 476 7.40 8.83 -0.72
CA TYR A 476 7.72 9.52 0.51
C TYR A 476 6.60 9.50 1.54
N SER A 477 5.35 9.38 1.10
CA SER A 477 4.20 9.45 1.98
C SER A 477 3.60 8.06 2.16
N ALA A 478 3.38 7.68 3.42
CA ALA A 478 2.85 6.35 3.76
C ALA A 478 3.74 5.23 3.23
N SER A 479 5.02 5.50 3.10
CA SER A 479 6.02 4.54 2.64
C SER A 479 7.39 5.15 2.92
N GLY A 480 8.44 4.53 2.39
CA GLY A 480 9.74 5.10 2.63
C GLY A 480 10.11 5.03 4.09
N THR A 481 10.88 6.03 4.53
CA THR A 481 11.32 6.05 5.92
C THR A 481 10.18 6.30 6.89
N THR A 482 9.00 6.70 6.41
CA THR A 482 7.86 6.88 7.29
C THR A 482 7.43 5.57 7.94
N LEU A 483 7.22 4.54 7.13
CA LEU A 483 6.80 3.25 7.68
C LEU A 483 7.93 2.60 8.46
N LEU A 484 9.18 2.80 8.05
CA LEU A 484 10.30 2.31 8.85
C LEU A 484 10.28 2.95 10.22
N TRP A 485 10.08 4.27 10.28
CA TRP A 485 10.01 4.96 11.56
C TRP A 485 8.88 4.42 12.42
N GLN A 486 7.70 4.26 11.82
CA GLN A 486 6.54 3.82 12.59
C GLN A 486 6.74 2.41 13.13
N ALA A 487 7.21 1.48 12.28
CA ALA A 487 7.41 0.12 12.73
C ALA A 487 8.52 0.02 13.76
N PHE A 488 9.61 0.75 13.55
CA PHE A 488 10.70 0.73 14.52
C PHE A 488 10.23 1.22 15.87
N TRP A 489 9.46 2.30 15.91
CA TRP A 489 9.00 2.81 17.19
C TRP A 489 7.95 1.91 17.82
N GLU A 490 7.12 1.25 17.02
CA GLU A 490 6.21 0.25 17.55
C GLU A 490 6.98 -0.87 18.25
N CYS A 491 7.96 -1.43 17.55
CA CYS A 491 8.74 -2.53 18.12
C CYS A 491 9.49 -2.07 19.37
N VAL A 492 10.01 -0.84 19.36
CA VAL A 492 10.74 -0.35 20.52
C VAL A 492 9.81 -0.16 21.71
N VAL A 493 8.64 0.44 21.49
CA VAL A 493 7.75 0.72 22.61
C VAL A 493 7.18 -0.57 23.20
N VAL A 494 6.87 -1.55 22.34
CA VAL A 494 6.27 -2.78 22.86
C VAL A 494 7.33 -3.70 23.44
N ALA A 495 8.36 -4.01 22.65
CA ALA A 495 9.34 -5.00 23.06
C ALA A 495 10.25 -4.49 24.17
N TRP A 496 10.57 -3.19 24.18
CA TRP A 496 11.52 -2.65 25.14
C TRP A 496 10.86 -1.87 26.26
N VAL A 497 10.03 -0.89 25.94
CA VAL A 497 9.42 -0.07 26.98
C VAL A 497 8.39 -0.88 27.76
N TYR A 498 7.54 -1.63 27.06
CA TYR A 498 6.51 -2.40 27.72
C TYR A 498 7.03 -3.74 28.23
N GLY A 499 8.04 -4.31 27.57
CA GLY A 499 8.56 -5.59 27.96
C GLY A 499 8.14 -6.70 27.02
N ALA A 500 9.05 -7.13 26.15
CA ALA A 500 8.70 -8.16 25.17
C ALA A 500 8.31 -9.47 25.86
N ASP A 501 9.04 -9.85 26.91
CA ASP A 501 8.72 -11.09 27.61
C ASP A 501 7.34 -11.00 28.26
N ARG A 502 7.02 -9.87 28.88
CA ARG A 502 5.71 -9.72 29.50
C ARG A 502 4.61 -9.72 28.44
N PHE A 503 4.85 -9.09 27.30
CA PHE A 503 3.87 -9.11 26.23
C PHE A 503 3.65 -10.51 25.69
N MET A 504 4.73 -11.29 25.55
CA MET A 504 4.58 -12.68 25.12
C MET A 504 3.82 -13.50 26.15
N ASP A 505 4.04 -13.24 27.44
CA ASP A 505 3.27 -13.91 28.46
C ASP A 505 1.79 -13.56 28.35
N ASP A 506 1.48 -12.28 28.10
CA ASP A 506 0.09 -11.87 27.92
C ASP A 506 -0.53 -12.55 26.70
N ILE A 507 0.23 -12.64 25.60
CA ILE A 507 -0.27 -13.33 24.42
C ILE A 507 -0.53 -14.80 24.73
N ALA A 508 0.39 -15.43 25.46
CA ALA A 508 0.21 -16.84 25.81
C ALA A 508 -1.03 -17.04 26.67
N CYS A 509 -1.27 -16.13 27.61
CA CYS A 509 -2.50 -16.18 28.39
C CYS A 509 -3.73 -16.03 27.49
N MET A 510 -3.63 -15.16 26.48
CA MET A 510 -4.73 -15.00 25.54
C MET A 510 -4.98 -16.26 24.72
N ILE A 511 -3.91 -16.92 24.29
CA ILE A 511 -3.97 -17.92 23.23
C ILE A 511 -3.72 -19.32 23.76
N GLY A 512 -3.34 -19.47 25.03
CA GLY A 512 -3.08 -20.77 25.61
C GLY A 512 -1.64 -21.19 25.57
N TYR A 513 -1.13 -21.52 24.39
CA TYR A 513 0.24 -22.02 24.26
C TYR A 513 1.20 -20.84 24.17
N ARG A 514 2.47 -21.13 23.90
CA ARG A 514 3.50 -20.12 23.77
C ARG A 514 4.09 -20.13 22.37
N PRO A 515 4.08 -19.01 21.67
CA PRO A 515 4.75 -18.96 20.35
C PRO A 515 6.26 -19.15 20.51
N CYS A 516 6.89 -19.51 19.40
CA CYS A 516 8.32 -19.75 19.40
C CYS A 516 9.07 -18.47 19.75
N PRO A 517 10.19 -18.57 20.46
CA PRO A 517 10.93 -17.37 20.86
C PRO A 517 11.46 -16.57 19.68
N TRP A 518 11.34 -17.08 18.46
CA TRP A 518 11.73 -16.30 17.29
C TRP A 518 10.96 -14.99 17.24
N MET A 519 9.70 -15.01 17.63
CA MET A 519 8.91 -13.79 17.67
C MET A 519 9.49 -12.80 18.68
N LYS A 520 9.89 -13.29 19.85
CA LYS A 520 10.48 -12.41 20.86
C LYS A 520 11.79 -11.81 20.36
N TRP A 521 12.63 -12.62 19.73
CA TRP A 521 13.88 -12.09 19.21
C TRP A 521 13.63 -11.07 18.10
N CYS A 522 12.63 -11.31 17.26
CA CYS A 522 12.30 -10.35 16.21
C CYS A 522 11.83 -9.02 16.81
N TRP A 523 11.00 -9.08 17.84
CA TRP A 523 10.51 -7.85 18.45
C TRP A 523 11.63 -7.09 19.15
N SER A 524 12.46 -7.80 19.92
CA SER A 524 13.42 -7.12 20.79
C SER A 524 14.58 -6.55 19.99
N PHE A 525 15.32 -7.41 19.30
CA PHE A 525 16.53 -6.99 18.61
C PHE A 525 16.38 -6.92 17.10
N PHE A 526 15.87 -7.97 16.47
CA PHE A 526 16.01 -8.11 15.02
C PHE A 526 15.26 -7.02 14.27
N THR A 527 13.97 -6.84 14.55
CA THR A 527 13.20 -5.88 13.74
C THR A 527 13.67 -4.44 13.93
N PRO A 528 13.84 -3.92 15.15
CA PRO A 528 14.39 -2.56 15.26
C PRO A 528 15.75 -2.41 14.62
N LEU A 529 16.62 -3.41 14.76
CA LEU A 529 17.94 -3.33 14.16
C LEU A 529 17.84 -3.27 12.65
N VAL A 530 16.99 -4.12 12.05
CA VAL A 530 16.87 -4.14 10.59
C VAL A 530 16.29 -2.82 10.09
N CYS A 531 15.25 -2.32 10.75
CA CYS A 531 14.65 -1.06 10.31
C CYS A 531 15.64 0.09 10.44
N MET A 532 16.36 0.16 11.56
CA MET A 532 17.33 1.22 11.76
C MET A 532 18.46 1.12 10.75
N GLY A 533 18.91 -0.10 10.46
CA GLY A 533 19.97 -0.27 9.48
C GLY A 533 19.55 0.15 8.09
N ILE A 534 18.34 -0.22 7.68
CA ILE A 534 17.85 0.19 6.36
C ILE A 534 17.73 1.71 6.30
N PHE A 535 17.15 2.32 7.33
CA PHE A 535 17.02 3.77 7.34
C PHE A 535 18.36 4.47 7.28
N ILE A 536 19.32 4.01 8.08
CA ILE A 536 20.61 4.68 8.16
C ILE A 536 21.40 4.48 6.87
N PHE A 537 21.37 3.27 6.30
CA PHE A 537 22.11 3.04 5.08
C PHE A 537 21.45 3.66 3.87
N ASN A 538 20.15 3.96 3.94
CA ASN A 538 19.54 4.76 2.88
C ASN A 538 19.92 6.23 3.01
N VAL A 539 19.90 6.77 4.23
CA VAL A 539 20.22 8.18 4.43
C VAL A 539 21.69 8.45 4.10
N VAL A 540 22.59 7.57 4.55
CA VAL A 540 24.02 7.77 4.32
C VAL A 540 24.33 7.76 2.83
N TYR A 541 23.64 6.91 2.07
CA TYR A 541 23.88 6.82 0.64
C TYR A 541 22.66 7.31 -0.13
N TYR A 542 22.13 8.46 0.32
CA TYR A 542 20.89 8.99 -0.22
C TYR A 542 21.02 9.27 -1.72
N GLU A 543 20.02 8.85 -2.48
CA GLU A 543 19.92 9.10 -3.90
C GLU A 543 18.59 9.77 -4.20
N PRO A 544 18.58 10.90 -4.90
CA PRO A 544 17.33 11.62 -5.13
C PRO A 544 16.32 10.75 -5.86
N LEU A 545 15.06 10.86 -5.46
CA LEU A 545 14.01 10.07 -6.09
C LEU A 545 13.88 10.46 -7.55
N VAL A 546 13.90 9.45 -8.43
CA VAL A 546 13.77 9.64 -9.86
C VAL A 546 12.58 8.83 -10.34
N TYR A 547 11.72 9.47 -11.13
CA TYR A 547 10.49 8.84 -11.62
C TYR A 547 10.75 8.26 -13.01
N ASN A 548 10.49 6.97 -13.17
CA ASN A 548 10.68 6.28 -14.44
C ASN A 548 12.12 6.41 -14.94
N ASN A 549 13.06 6.50 -14.00
CA ASN A 549 14.50 6.62 -14.26
C ASN A 549 14.84 7.67 -15.32
N THR A 550 13.97 8.65 -15.51
CA THR A 550 14.22 9.74 -16.45
C THR A 550 14.17 11.11 -15.79
N TYR A 551 13.13 11.37 -15.00
CA TYR A 551 12.90 12.71 -14.44
C TYR A 551 13.57 12.80 -13.07
N VAL A 552 14.59 13.64 -12.97
CA VAL A 552 15.27 13.89 -11.70
C VAL A 552 14.46 14.91 -10.92
N TYR A 553 13.96 14.52 -9.77
CA TYR A 553 13.10 15.41 -8.99
C TYR A 553 13.89 16.60 -8.48
N PRO A 554 13.38 17.82 -8.63
CA PRO A 554 14.14 18.99 -8.19
C PRO A 554 14.21 19.08 -6.67
N TRP A 555 14.89 20.09 -6.15
CA TRP A 555 15.07 20.19 -4.71
C TRP A 555 13.74 20.38 -3.99
N TRP A 556 12.84 21.17 -4.56
CA TRP A 556 11.58 21.43 -3.87
C TRP A 556 10.63 20.24 -3.94
N GLY A 557 10.75 19.40 -4.96
CA GLY A 557 9.96 18.18 -4.99
C GLY A 557 10.31 17.24 -3.87
N GLU A 558 11.62 17.01 -3.67
CA GLU A 558 12.05 16.26 -2.51
C GLU A 558 11.70 16.98 -1.23
N ALA A 559 11.68 18.31 -1.25
CA ALA A 559 11.28 19.06 -0.06
C ALA A 559 9.83 18.76 0.31
N MET A 560 8.94 18.72 -0.68
CA MET A 560 7.54 18.36 -0.41
C MET A 560 7.42 16.92 0.07
N GLY A 561 8.15 16.00 -0.58
CA GLY A 561 8.10 14.61 -0.13
C GLY A 561 8.55 14.48 1.31
N TRP A 562 9.64 15.13 1.66
CA TRP A 562 10.11 15.11 3.03
C TRP A 562 9.17 15.89 3.95
N ALA A 563 8.41 16.85 3.43
CA ALA A 563 7.41 17.50 4.25
C ALA A 563 6.32 16.52 4.65
N PHE A 564 5.87 15.69 3.70
CA PHE A 564 4.95 14.62 4.05
C PHE A 564 5.57 13.67 5.07
N ALA A 565 6.82 13.27 4.82
CA ALA A 565 7.47 12.29 5.68
C ALA A 565 7.62 12.82 7.11
N LEU A 566 8.13 14.05 7.25
CA LEU A 566 8.29 14.63 8.58
C LEU A 566 6.95 14.96 9.22
N SER A 567 5.93 15.29 8.44
CA SER A 567 4.61 15.48 9.02
C SER A 567 4.14 14.20 9.70
N SER A 568 4.39 13.05 9.06
CA SER A 568 4.02 11.80 9.70
C SER A 568 4.93 11.48 10.88
N MET A 569 6.24 11.58 10.71
CA MET A 569 7.20 11.12 11.70
C MET A 569 7.39 12.09 12.86
N LEU A 570 6.82 13.28 12.81
CA LEU A 570 6.89 14.19 13.95
C LEU A 570 5.82 13.91 14.99
N CYS A 571 4.86 13.04 14.68
CA CYS A 571 3.78 12.77 15.62
C CYS A 571 4.31 12.14 16.90
N VAL A 572 5.29 11.24 16.79
CA VAL A 572 5.86 10.56 17.95
C VAL A 572 6.66 11.53 18.81
N PRO A 573 7.73 12.16 18.29
CA PRO A 573 8.56 12.99 19.18
C PRO A 573 7.82 14.20 19.74
N LEU A 574 6.99 14.86 18.94
CA LEU A 574 6.26 16.03 19.44
C LEU A 574 5.28 15.63 20.54
N HIS A 575 4.57 14.51 20.35
CA HIS A 575 3.62 14.07 21.37
C HIS A 575 4.35 13.67 22.64
N LEU A 576 5.48 12.98 22.50
CA LEU A 576 6.28 12.62 23.67
C LEU A 576 6.76 13.86 24.41
N LEU A 577 7.23 14.87 23.66
CA LEU A 577 7.71 16.10 24.27
C LEU A 577 6.58 16.84 24.97
N GLY A 578 5.41 16.91 24.35
CA GLY A 578 4.28 17.58 24.98
C GLY A 578 3.85 16.89 26.25
N CYS A 579 3.82 15.56 26.24
CA CYS A 579 3.50 14.82 27.46
C CYS A 579 4.53 15.09 28.55
N LEU A 580 5.81 15.16 28.18
CA LEU A 580 6.83 15.45 29.18
C LEU A 580 6.66 16.84 29.77
N LEU A 581 6.33 17.83 28.94
CA LEU A 581 6.09 19.17 29.46
C LEU A 581 4.88 19.18 30.39
N ARG A 582 3.81 18.48 30.02
CA ARG A 582 2.61 18.49 30.84
C ARG A 582 2.87 17.85 32.20
N ALA A 583 3.70 16.81 32.23
CA ALA A 583 4.05 16.16 33.48
C ALA A 583 4.95 17.07 34.33
N LYS A 584 4.84 16.91 35.65
CA LYS A 584 5.58 17.71 36.60
C LYS A 584 6.68 16.88 37.23
N GLY A 585 7.62 17.58 37.89
CA GLY A 585 8.77 16.92 38.46
C GLY A 585 9.85 16.64 37.43
N THR A 586 10.88 15.93 37.88
CA THR A 586 11.97 15.59 36.99
C THR A 586 11.51 14.58 35.94
N MET A 587 12.33 14.41 34.90
CA MET A 587 11.94 13.57 33.78
C MET A 587 11.79 12.11 34.17
N ALA A 588 12.48 11.67 35.22
CA ALA A 588 12.45 10.26 35.61
C ALA A 588 11.06 9.84 36.04
N GLU A 589 10.53 10.46 37.09
CA GLU A 589 9.21 10.08 37.57
C GLU A 589 8.13 10.46 36.57
N ARG A 590 8.36 11.48 35.75
CA ARG A 590 7.41 11.82 34.71
C ARG A 590 7.27 10.68 33.71
N TRP A 591 8.41 10.17 33.22
CA TRP A 591 8.38 9.01 32.33
C TRP A 591 7.77 7.80 33.03
N GLN A 592 8.11 7.59 34.29
CA GLN A 592 7.60 6.42 35.01
C GLN A 592 6.08 6.47 35.14
N HIS A 593 5.53 7.66 35.43
CA HIS A 593 4.09 7.77 35.59
C HIS A 593 3.37 7.73 34.25
N LEU A 594 3.95 8.33 33.22
CA LEU A 594 3.28 8.38 31.92
C LEU A 594 3.41 7.09 31.12
N THR A 595 4.33 6.20 31.50
CA THR A 595 4.41 4.89 30.87
C THR A 595 3.61 3.83 31.62
N GLN A 596 2.94 4.21 32.70
CA GLN A 596 2.11 3.27 33.45
C GLN A 596 0.90 2.90 32.60
N PRO A 597 0.70 1.64 32.28
CA PRO A 597 -0.41 1.26 31.39
C PRO A 597 -1.76 1.57 32.02
N ILE A 598 -2.73 1.87 31.16
CA ILE A 598 -4.11 2.08 31.59
C ILE A 598 -4.96 0.93 31.07
N TRP A 599 -5.12 -0.11 31.88
CA TRP A 599 -5.77 -1.33 31.43
C TRP A 599 -7.27 -1.12 31.25
N GLY A 600 -7.87 -1.95 30.42
CA GLY A 600 -9.30 -1.93 30.22
C GLY A 600 -10.04 -2.61 31.37
N LEU A 601 -11.37 -2.53 31.30
CA LEU A 601 -12.19 -3.09 32.37
C LEU A 601 -12.04 -4.59 32.47
N HIS A 602 -11.98 -5.29 31.33
CA HIS A 602 -11.96 -6.75 31.35
C HIS A 602 -10.63 -7.31 31.81
N HIS A 603 -9.56 -6.52 31.78
CA HIS A 603 -8.25 -7.01 32.16
C HIS A 603 -8.12 -7.16 33.68
C1 A1D9S B . -4.23 -3.44 -0.20
N1 A1D9S B . -2.41 -1.68 2.48
O1 A1D9S B . -5.39 -3.89 0.03
C2 A1D9S B . -3.17 -3.44 0.91
N2 A1D9S B . -3.67 0.32 2.65
O2 A1D9S B . -3.95 -3.00 -1.36
C3 A1D9S B . -3.57 -2.45 2.07
N3 A1D9S B . -1.51 0.43 3.12
C4 A1D9S B . -2.55 -0.24 2.77
CL CL C . 3.00 -7.99 -0.89
NA NA D . -1.22 -6.09 0.74
#